data_7C6Q
#
_entry.id   7C6Q
#
_cell.length_a   49.550
_cell.length_b   61.500
_cell.length_c   98.480
_cell.angle_alpha   90.000
_cell.angle_beta   90.000
_cell.angle_gamma   90.000
#
_symmetry.space_group_name_H-M   'P 21 21 21'
#
loop_
_entity.id
_entity.type
_entity.pdbx_description
1 polymer 'Peroxisome proliferator-activated receptor alpha'
2 polymer LYS-ILE-LEU-HIS-ARG-LEU-LEU-GLN
3 non-polymer 13-methyl[1,3]benzodioxolo[5,6-c][1,3]dioxolo[4,5-i]phenanthridin-13-ium
4 water water
#
loop_
_entity_poly.entity_id
_entity_poly.type
_entity_poly.pdbx_seq_one_letter_code
_entity_poly.pdbx_strand_id
1 'polypeptide(L)'
;EDSETADLKSLAKRIYEAYLKNFNMNKVKARVILSGKASNNPPFVIHDMETLCMAEKTLVAKLVANGIQNKEAEVRIFHC
CQCTSVETVTELTEFAKAIPGFANLDLNDQVTLLKYGVYEAIFAMLSSVMNKDGMLVAYGNGFITREFLKSLRKPFCDIM
EPKFDFAMKFNALELDDSDISLFVAAIICCGDRPGLLNVGHIEKMQEGIVHVLRLHLQSNHPDDIFLFPKLLQKMADLRQ
LVTEHAQLVQIIKKTESDAALHPLLQEIYRDMY
;
A
2 'polypeptide(L)' SLTERHKILHRLLQEGSP B
#
loop_
_chem_comp.id
_chem_comp.type
_chem_comp.name
_chem_comp.formula
SAU non-polymer 13-methyl[1,3]benzodioxolo[5,6-c][1,3]dioxolo[4,5-i]phenanthridin-13-ium 'C20 H14 N O4 1'
#
# COMPACT_ATOMS: atom_id res chain seq x y z
N THR A 5 -7.11 -23.97 13.63
CA THR A 5 -7.11 -25.09 12.65
C THR A 5 -7.21 -24.48 11.24
N ALA A 6 -7.71 -25.24 10.27
CA ALA A 6 -8.21 -24.68 8.98
C ALA A 6 -9.36 -23.71 9.26
N ASP A 7 -9.96 -23.76 10.48
CA ASP A 7 -11.06 -22.89 10.95
C ASP A 7 -10.77 -21.45 10.50
N LEU A 8 -11.80 -20.81 9.94
CA LEU A 8 -11.78 -19.41 9.45
C LEU A 8 -11.70 -18.44 10.64
N LYS A 9 -12.14 -18.85 11.83
CA LYS A 9 -12.04 -18.00 13.04
C LYS A 9 -10.55 -17.68 13.28
N SER A 10 -9.72 -18.71 13.32
CA SER A 10 -8.26 -18.59 13.59
C SER A 10 -7.55 -18.00 12.37
N LEU A 11 -8.16 -18.06 11.17
CA LEU A 11 -7.56 -17.50 9.94
C LEU A 11 -7.67 -15.97 10.00
N ALA A 12 -8.87 -15.48 10.26
CA ALA A 12 -9.16 -14.04 10.39
C ALA A 12 -8.30 -13.50 11.54
N LYS A 13 -8.37 -14.14 12.71
CA LYS A 13 -7.62 -13.64 13.89
C LYS A 13 -6.15 -13.57 13.52
N ARG A 14 -5.56 -14.65 13.01
CA ARG A 14 -4.09 -14.69 12.74
C ARG A 14 -3.73 -13.58 11.72
N ILE A 15 -4.55 -13.35 10.69
CA ILE A 15 -4.34 -12.28 9.68
C ILE A 15 -4.47 -10.88 10.32
N TYR A 16 -5.50 -10.62 11.14
CA TYR A 16 -5.68 -9.31 11.83
C TYR A 16 -4.49 -9.03 12.77
N GLU A 17 -3.96 -10.04 13.42
CA GLU A 17 -2.85 -9.88 14.40
C GLU A 17 -1.53 -9.66 13.65
N ALA A 18 -1.35 -10.34 12.52
CA ALA A 18 -0.18 -10.14 11.63
C ALA A 18 -0.25 -8.74 11.02
N TYR A 19 -1.45 -8.25 10.74
CA TYR A 19 -1.68 -6.87 10.23
C TYR A 19 -1.28 -5.85 11.29
N LEU A 20 -1.74 -6.00 12.54
CA LEU A 20 -1.43 -5.06 13.64
C LEU A 20 0.06 -5.14 14.01
N LYS A 21 0.63 -6.33 13.99
CA LYS A 21 2.04 -6.54 14.43
C LYS A 21 2.99 -5.86 13.45
N ASN A 22 2.68 -5.83 12.14
CA ASN A 22 3.69 -5.61 11.06
C ASN A 22 3.57 -4.27 10.34
N PHE A 23 2.45 -3.55 10.41
CA PHE A 23 2.29 -2.25 9.72
C PHE A 23 2.38 -1.08 10.72
N ASN A 24 3.35 -0.18 10.53
CA ASN A 24 3.57 1.00 11.42
C ASN A 24 2.30 1.84 11.42
N MET A 25 1.67 2.03 10.26
CA MET A 25 0.43 2.84 10.12
C MET A 25 -0.77 1.93 9.88
N ASN A 26 -1.95 2.37 10.32
CA ASN A 26 -3.26 1.73 10.04
C ASN A 26 -4.39 2.75 10.24
N LYS A 27 -5.62 2.35 9.96
CA LYS A 27 -6.77 3.29 9.90
C LYS A 27 -7.00 3.89 11.30
N VAL A 28 -7.12 3.06 12.34
CA VAL A 28 -7.37 3.53 13.74
C VAL A 28 -6.35 4.63 14.09
N LYS A 29 -5.04 4.38 13.87
CA LYS A 29 -3.96 5.33 14.25
C LYS A 29 -4.10 6.59 13.40
N ALA A 30 -4.30 6.41 12.10
CA ALA A 30 -4.53 7.48 11.11
C ALA A 30 -5.67 8.41 11.58
N ARG A 31 -6.80 7.84 12.01
CA ARG A 31 -7.99 8.62 12.45
C ARG A 31 -7.63 9.39 13.72
N VAL A 32 -6.79 8.81 14.58
CA VAL A 32 -6.36 9.43 15.87
C VAL A 32 -5.43 10.63 15.58
N ILE A 33 -4.45 10.48 14.69
CA ILE A 33 -3.52 11.60 14.34
C ILE A 33 -4.32 12.73 13.70
N LEU A 34 -5.32 12.42 12.87
CA LEU A 34 -6.08 13.44 12.07
C LEU A 34 -7.12 14.17 12.93
N SER A 35 -7.42 13.69 14.13
CA SER A 35 -8.27 14.38 15.13
C SER A 35 -7.41 15.23 16.07
N GLY A 36 -6.10 14.98 16.13
CA GLY A 36 -5.11 15.78 16.88
C GLY A 36 -4.98 15.35 18.34
N LYS A 37 -5.05 14.05 18.60
CA LYS A 37 -5.01 13.47 19.98
C LYS A 37 -3.91 12.42 20.10
N ALA A 38 -2.98 12.36 19.11
CA ALA A 38 -1.85 11.41 19.06
C ALA A 38 -0.62 12.03 19.72
N SER A 39 -0.43 13.34 19.56
CA SER A 39 0.77 14.09 20.02
C SER A 39 0.38 15.47 20.57
N ASN A 40 1.33 16.14 21.20
CA ASN A 40 1.15 17.46 21.78
C ASN A 40 0.97 18.49 20.69
N ASN A 41 1.60 18.20 19.59
CA ASN A 41 1.58 19.06 18.38
C ASN A 41 1.15 18.18 17.20
N PRO A 42 0.21 18.65 16.36
CA PRO A 42 -0.38 17.81 15.31
C PRO A 42 0.56 17.71 14.11
N PRO A 43 0.18 16.96 13.06
CA PRO A 43 1.08 16.76 11.93
C PRO A 43 1.41 18.11 11.30
N PHE A 44 2.62 18.25 10.80
CA PHE A 44 3.11 19.47 10.13
C PHE A 44 2.47 19.57 8.74
N VAL A 45 1.65 20.59 8.48
CA VAL A 45 1.05 20.76 7.12
C VAL A 45 2.16 21.21 6.15
N ILE A 46 2.31 20.46 5.06
CA ILE A 46 3.17 20.79 3.89
C ILE A 46 2.25 21.21 2.75
N HIS A 47 2.22 22.50 2.41
CA HIS A 47 1.29 23.06 1.38
C HIS A 47 2.06 23.89 0.35
N ASP A 48 3.28 24.35 0.66
CA ASP A 48 4.16 25.09 -0.28
C ASP A 48 5.59 24.56 -0.14
N MET A 49 6.53 25.12 -0.89
CA MET A 49 7.96 24.73 -0.86
C MET A 49 8.58 25.21 0.46
N GLU A 50 8.08 26.33 0.99
CA GLU A 50 8.49 26.89 2.30
C GLU A 50 8.38 25.79 3.35
N THR A 51 7.17 25.25 3.55
CA THR A 51 6.83 24.22 4.58
C THR A 51 7.50 22.88 4.24
N LEU A 52 7.52 22.49 2.96
CA LEU A 52 8.23 21.25 2.52
C LEU A 52 9.68 21.30 2.97
N CYS A 53 10.28 22.50 3.05
CA CYS A 53 11.72 22.69 3.36
C CYS A 53 11.93 22.65 4.87
N MET A 54 11.09 23.34 5.65
CA MET A 54 11.02 23.21 7.13
C MET A 54 10.91 21.73 7.48
N ALA A 55 9.93 21.04 6.90
CA ALA A 55 9.62 19.62 7.14
C ALA A 55 10.88 18.76 6.89
N GLU A 56 11.56 18.95 5.76
CA GLU A 56 12.76 18.13 5.39
C GLU A 56 13.88 18.43 6.38
N LYS A 57 13.97 19.70 6.76
CA LYS A 57 15.02 20.18 7.67
C LYS A 57 14.93 19.34 8.95
N THR A 58 13.75 19.21 9.56
CA THR A 58 13.58 18.67 10.94
C THR A 58 13.47 17.12 10.96
N LEU A 59 12.92 16.47 9.94
CA LEU A 59 12.53 15.02 10.01
C LEU A 59 13.55 14.11 9.34
N VAL A 60 14.61 14.68 8.76
CA VAL A 60 15.64 13.92 7.99
C VAL A 60 17.02 14.50 8.33
N ALA A 61 17.26 15.77 7.99
CA ALA A 61 18.51 16.51 8.29
C ALA A 61 19.73 15.64 7.90
N LYS A 62 19.74 15.16 6.65
CA LYS A 62 20.83 14.39 6.00
C LYS A 62 22.13 14.49 6.81
N ILE A 68 21.68 17.75 -1.05
CA ILE A 68 20.29 17.45 -1.50
C ILE A 68 19.47 18.74 -1.44
N GLN A 69 20.03 19.82 -1.99
CA GLN A 69 19.39 21.15 -2.23
C GLN A 69 19.94 21.76 -3.52
N ASN A 70 20.56 20.93 -4.37
CA ASN A 70 20.90 21.22 -5.79
C ASN A 70 19.94 20.40 -6.69
N LYS A 71 19.50 19.24 -6.18
CA LYS A 71 18.41 18.38 -6.75
C LYS A 71 17.06 19.09 -6.61
N GLU A 72 16.20 18.97 -7.62
CA GLU A 72 14.92 19.70 -7.75
C GLU A 72 13.92 19.16 -6.73
N ALA A 73 13.02 20.03 -6.22
CA ALA A 73 11.98 19.70 -5.21
C ALA A 73 11.31 18.36 -5.54
N GLU A 74 10.75 18.25 -6.75
CA GLU A 74 10.05 17.06 -7.29
C GLU A 74 10.92 15.81 -7.09
N VAL A 75 12.20 15.90 -7.44
CA VAL A 75 13.13 14.74 -7.42
C VAL A 75 13.27 14.24 -5.99
N ARG A 76 13.25 15.15 -5.02
CA ARG A 76 13.40 14.83 -3.58
C ARG A 76 12.12 14.16 -3.09
N ILE A 77 10.95 14.72 -3.44
CA ILE A 77 9.62 14.16 -3.09
C ILE A 77 9.52 12.76 -3.69
N PHE A 78 10.01 12.59 -4.91
CA PHE A 78 9.99 11.30 -5.62
C PHE A 78 10.85 10.29 -4.86
N HIS A 79 12.01 10.70 -4.36
CA HIS A 79 12.94 9.88 -3.54
C HIS A 79 12.18 9.32 -2.33
N CYS A 80 11.36 10.18 -1.71
CA CYS A 80 10.54 9.89 -0.52
C CYS A 80 9.46 8.84 -0.82
N CYS A 81 8.73 8.99 -1.93
CA CYS A 81 7.74 7.98 -2.36
C CYS A 81 8.44 6.62 -2.34
N GLN A 82 9.59 6.53 -3.00
CA GLN A 82 10.36 5.28 -3.14
C GLN A 82 10.76 4.73 -1.76
N CYS A 83 11.22 5.57 -0.83
CA CYS A 83 11.68 5.17 0.53
C CYS A 83 10.52 4.50 1.28
N THR A 84 9.32 5.02 1.07
CA THR A 84 8.07 4.62 1.75
C THR A 84 7.61 3.27 1.21
N SER A 85 7.69 3.08 -0.12
CA SER A 85 7.38 1.80 -0.80
C SER A 85 8.34 0.72 -0.30
N VAL A 86 9.62 1.02 -0.19
CA VAL A 86 10.65 0.00 0.20
C VAL A 86 10.32 -0.48 1.61
N GLU A 87 9.98 0.46 2.51
CA GLU A 87 9.57 0.16 3.90
C GLU A 87 8.32 -0.73 3.91
N THR A 88 7.26 -0.32 3.20
CA THR A 88 5.94 -1.00 3.20
C THR A 88 6.10 -2.38 2.57
N VAL A 89 6.94 -2.49 1.54
CA VAL A 89 7.27 -3.80 0.91
C VAL A 89 7.86 -4.71 1.98
N THR A 90 8.72 -4.17 2.83
CA THR A 90 9.35 -4.94 3.94
C THR A 90 8.29 -5.37 4.96
N GLU A 91 7.40 -4.47 5.37
CA GLU A 91 6.28 -4.77 6.31
C GLU A 91 5.40 -5.88 5.69
N LEU A 92 5.06 -5.74 4.41
CA LEU A 92 4.18 -6.65 3.63
C LEU A 92 4.78 -8.05 3.53
N THR A 93 6.08 -8.15 3.38
CA THR A 93 6.80 -9.45 3.30
C THR A 93 6.66 -10.19 4.63
N GLU A 94 6.81 -9.49 5.76
CA GLU A 94 6.61 -10.05 7.13
C GLU A 94 5.15 -10.42 7.33
N PHE A 95 4.24 -9.54 6.90
CA PHE A 95 2.78 -9.78 6.94
C PHE A 95 2.46 -11.05 6.17
N ALA A 96 2.98 -11.14 4.94
CA ALA A 96 2.77 -12.31 4.06
C ALA A 96 3.20 -13.58 4.80
N LYS A 97 4.39 -13.53 5.40
CA LYS A 97 5.05 -14.67 6.08
C LYS A 97 4.18 -15.19 7.23
N ALA A 98 3.25 -14.38 7.75
CA ALA A 98 2.36 -14.72 8.88
C ALA A 98 1.01 -15.23 8.39
N ILE A 99 0.75 -15.20 7.09
CA ILE A 99 -0.55 -15.72 6.52
C ILE A 99 -0.49 -17.25 6.52
N PRO A 100 -1.36 -17.94 7.31
CA PRO A 100 -1.42 -19.40 7.25
C PRO A 100 -1.27 -19.89 5.81
N GLY A 101 -0.27 -20.73 5.54
CA GLY A 101 -0.09 -21.44 4.26
C GLY A 101 1.02 -20.82 3.43
N PHE A 102 1.24 -19.52 3.58
CA PHE A 102 2.18 -18.73 2.73
C PHE A 102 3.62 -19.18 2.97
N ALA A 103 3.97 -19.39 4.25
CA ALA A 103 5.29 -19.90 4.67
C ALA A 103 5.59 -21.22 3.93
N ASN A 104 4.60 -22.09 3.77
CA ASN A 104 4.78 -23.44 3.17
C ASN A 104 4.85 -23.40 1.64
N LEU A 105 4.80 -22.23 1.00
CA LEU A 105 4.89 -22.17 -0.48
C LEU A 105 6.35 -22.28 -0.90
N ASP A 106 6.58 -22.69 -2.14
CA ASP A 106 7.89 -22.55 -2.83
C ASP A 106 8.35 -21.09 -2.72
N LEU A 107 9.66 -20.90 -2.59
CA LEU A 107 10.32 -19.57 -2.56
C LEU A 107 9.99 -18.79 -3.85
N ASN A 108 9.99 -19.44 -5.02
CA ASN A 108 9.75 -18.76 -6.32
C ASN A 108 8.29 -18.27 -6.42
N ASP A 109 7.33 -19.05 -5.92
CA ASP A 109 5.90 -18.65 -5.82
C ASP A 109 5.77 -17.47 -4.83
N GLN A 110 6.42 -17.55 -3.67
CA GLN A 110 6.46 -16.46 -2.65
C GLN A 110 6.93 -15.14 -3.32
N VAL A 111 8.00 -15.19 -4.11
CA VAL A 111 8.58 -13.99 -4.79
C VAL A 111 7.52 -13.40 -5.73
N THR A 112 6.84 -14.26 -6.48
CA THR A 112 5.85 -13.87 -7.49
C THR A 112 4.70 -13.14 -6.81
N LEU A 113 4.08 -13.81 -5.81
CA LEU A 113 2.87 -13.30 -5.11
C LEU A 113 3.15 -11.90 -4.54
N LEU A 114 4.37 -11.66 -4.05
CA LEU A 114 4.77 -10.37 -3.47
C LEU A 114 5.10 -9.39 -4.58
N LYS A 115 5.76 -9.86 -5.64
CA LYS A 115 6.21 -9.02 -6.77
C LYS A 115 4.99 -8.26 -7.31
N TYR A 116 3.89 -8.97 -7.53
CA TYR A 116 2.65 -8.45 -8.15
C TYR A 116 1.66 -7.95 -7.08
N GLY A 117 1.79 -8.47 -5.86
CA GLY A 117 0.91 -8.16 -4.73
C GLY A 117 1.13 -6.75 -4.17
N VAL A 118 2.39 -6.35 -3.98
CA VAL A 118 2.77 -5.26 -3.02
C VAL A 118 2.19 -3.91 -3.42
N TYR A 119 2.10 -3.57 -4.71
CA TYR A 119 1.70 -2.20 -5.11
C TYR A 119 0.18 -2.07 -5.01
N GLU A 120 -0.53 -3.15 -5.32
CA GLU A 120 -1.99 -3.26 -5.08
C GLU A 120 -2.24 -3.05 -3.59
N ALA A 121 -1.47 -3.72 -2.74
CA ALA A 121 -1.57 -3.64 -1.27
C ALA A 121 -1.22 -2.21 -0.81
N ILE A 122 -0.16 -1.60 -1.35
CA ILE A 122 0.28 -0.26 -0.89
C ILE A 122 -0.85 0.74 -1.14
N PHE A 123 -1.49 0.68 -2.30
CA PHE A 123 -2.47 1.71 -2.72
C PHE A 123 -3.79 1.50 -1.95
N ALA A 124 -4.12 0.24 -1.71
CA ALA A 124 -5.25 -0.20 -0.84
C ALA A 124 -5.06 0.36 0.57
N MET A 125 -3.85 0.28 1.13
CA MET A 125 -3.56 0.74 2.51
C MET A 125 -3.31 2.25 2.57
N LEU A 126 -2.81 2.84 1.47
CA LEU A 126 -2.63 4.31 1.33
C LEU A 126 -3.94 5.01 1.70
N SER A 127 -5.04 4.42 1.25
CA SER A 127 -6.41 4.97 1.45
C SER A 127 -6.65 5.33 2.93
N SER A 128 -6.10 4.55 3.85
CA SER A 128 -6.22 4.73 5.32
C SER A 128 -5.60 6.06 5.77
N VAL A 129 -4.59 6.60 5.06
CA VAL A 129 -3.86 7.84 5.49
C VAL A 129 -4.25 9.03 4.58
N MET A 130 -5.27 8.89 3.74
CA MET A 130 -5.72 9.93 2.79
C MET A 130 -7.14 10.40 3.15
N ASN A 131 -7.36 11.72 3.19
CA ASN A 131 -8.69 12.36 3.15
C ASN A 131 -8.78 13.18 1.86
N LYS A 132 -9.92 13.84 1.63
CA LYS A 132 -10.15 14.64 0.38
C LYS A 132 -9.10 15.76 0.26
N ASP A 133 -8.40 16.10 1.34
CA ASP A 133 -7.53 17.31 1.39
C ASP A 133 -6.05 16.96 1.27
N GLY A 134 -5.65 15.69 1.45
CA GLY A 134 -4.23 15.32 1.46
C GLY A 134 -3.96 14.09 2.30
N MET A 135 -2.69 13.79 2.59
CA MET A 135 -2.26 12.51 3.19
C MET A 135 -1.13 12.67 4.23
N LEU A 136 -1.16 11.81 5.25
CA LEU A 136 -0.12 11.64 6.30
C LEU A 136 1.12 10.99 5.70
N VAL A 137 2.29 11.50 6.08
CA VAL A 137 3.64 11.06 5.61
C VAL A 137 4.59 11.12 6.79
N ALA A 138 5.81 10.59 6.65
CA ALA A 138 6.85 10.63 7.72
C ALA A 138 6.30 10.06 9.03
N TYR A 139 5.94 8.77 9.01
CA TYR A 139 5.45 7.94 10.14
C TYR A 139 4.38 8.70 10.92
N GLY A 140 3.53 9.42 10.21
CA GLY A 140 2.42 10.17 10.83
C GLY A 140 2.76 11.60 11.22
N ASN A 141 3.97 12.09 10.98
CA ASN A 141 4.44 13.42 11.46
C ASN A 141 4.15 14.55 10.44
N GLY A 142 3.82 14.20 9.20
CA GLY A 142 3.57 15.19 8.14
C GLY A 142 2.20 15.01 7.50
N PHE A 143 1.66 16.09 6.94
CA PHE A 143 0.42 16.11 6.14
C PHE A 143 0.72 16.92 4.89
N ILE A 144 0.95 16.24 3.78
CA ILE A 144 1.17 16.91 2.47
C ILE A 144 -0.21 17.07 1.83
N THR A 145 -0.53 18.27 1.37
CA THR A 145 -1.88 18.60 0.84
C THR A 145 -2.02 17.97 -0.55
N ARG A 146 -3.25 17.62 -0.88
CA ARG A 146 -3.64 17.08 -2.20
C ARG A 146 -3.29 18.12 -3.27
N GLU A 147 -3.66 19.38 -3.02
CA GLU A 147 -3.50 20.51 -3.96
C GLU A 147 -2.02 20.76 -4.23
N PHE A 148 -1.18 20.87 -3.20
CA PHE A 148 0.27 21.10 -3.33
C PHE A 148 0.88 20.06 -4.27
N LEU A 149 0.42 18.80 -4.17
CA LEU A 149 0.92 17.69 -5.04
C LEU A 149 0.44 17.92 -6.48
N LYS A 150 -0.79 18.40 -6.69
CA LYS A 150 -1.33 18.68 -8.06
C LYS A 150 -0.57 19.84 -8.68
N SER A 151 -0.01 20.71 -7.84
CA SER A 151 0.69 21.95 -8.26
C SER A 151 2.20 21.72 -8.27
N LEU A 152 2.65 20.53 -8.66
CA LEU A 152 4.08 20.24 -8.97
C LEU A 152 4.25 20.25 -10.48
N ARG A 153 5.49 20.37 -10.97
CA ARG A 153 5.78 20.29 -12.42
C ARG A 153 5.52 18.84 -12.85
N LYS A 154 4.94 18.64 -14.01
CA LYS A 154 4.74 17.33 -14.54
C LYS A 154 6.14 16.81 -14.82
N PRO A 155 6.30 15.50 -14.89
CA PRO A 155 5.19 14.57 -14.72
C PRO A 155 4.95 14.12 -13.30
N PHE A 156 5.60 14.77 -12.36
CA PHE A 156 5.54 14.36 -10.94
C PHE A 156 4.18 14.65 -10.29
N CYS A 157 3.48 15.72 -10.69
CA CYS A 157 2.16 16.09 -10.10
C CYS A 157 1.07 15.08 -10.48
N ASP A 158 1.38 14.12 -11.36
CA ASP A 158 0.38 13.13 -11.87
C ASP A 158 0.46 11.79 -11.13
N ILE A 159 1.42 11.61 -10.21
CA ILE A 159 1.61 10.34 -9.44
C ILE A 159 0.42 10.07 -8.53
N MET A 160 0.17 10.96 -7.58
CA MET A 160 -0.73 10.67 -6.43
C MET A 160 -2.20 10.80 -6.85
N GLU A 161 -2.52 11.66 -7.80
CA GLU A 161 -3.93 12.06 -8.10
C GLU A 161 -4.80 10.84 -8.35
N PRO A 162 -4.37 9.85 -9.16
CA PRO A 162 -5.14 8.61 -9.29
C PRO A 162 -5.39 7.92 -7.93
N LYS A 163 -4.42 7.99 -7.02
CA LYS A 163 -4.46 7.27 -5.72
C LYS A 163 -5.46 7.93 -4.80
N PHE A 164 -5.56 9.26 -4.84
CA PHE A 164 -6.58 10.03 -4.10
C PHE A 164 -7.97 9.66 -4.65
N ASP A 165 -8.15 9.63 -5.98
CA ASP A 165 -9.43 9.28 -6.65
C ASP A 165 -9.88 7.93 -6.09
N PHE A 166 -8.98 6.94 -6.14
CA PHE A 166 -9.23 5.56 -5.71
C PHE A 166 -9.60 5.54 -4.23
N ALA A 167 -8.82 6.23 -3.41
CA ALA A 167 -8.94 6.19 -1.95
C ALA A 167 -10.24 6.89 -1.53
N MET A 168 -10.67 7.93 -2.24
CA MET A 168 -11.89 8.68 -1.86
C MET A 168 -13.08 7.72 -1.89
N LYS A 169 -13.17 6.91 -2.94
CA LYS A 169 -14.30 5.96 -3.15
C LYS A 169 -14.12 4.76 -2.23
N PHE A 170 -12.90 4.22 -2.18
CA PHE A 170 -12.51 3.12 -1.28
C PHE A 170 -12.85 3.44 0.16
N ASN A 171 -12.59 4.67 0.62
CA ASN A 171 -12.84 5.09 2.03
C ASN A 171 -14.34 5.19 2.31
N ALA A 172 -15.15 5.46 1.29
CA ALA A 172 -16.63 5.61 1.39
C ALA A 172 -17.25 4.26 1.82
N LEU A 173 -16.60 3.14 1.47
CA LEU A 173 -16.94 1.77 1.95
C LEU A 173 -16.85 1.69 3.48
N GLU A 174 -16.12 2.61 4.12
CA GLU A 174 -16.04 2.77 5.60
C GLU A 174 -15.65 1.43 6.24
N LEU A 175 -14.64 0.76 5.66
CA LEU A 175 -14.07 -0.51 6.19
C LEU A 175 -13.26 -0.17 7.43
N ASP A 176 -13.07 -1.14 8.32
CA ASP A 176 -12.12 -1.03 9.45
C ASP A 176 -10.92 -1.95 9.17
N ASP A 177 -9.91 -1.86 10.04
CA ASP A 177 -8.60 -2.51 9.90
C ASP A 177 -8.74 -4.03 9.84
N SER A 178 -9.75 -4.60 10.50
CA SER A 178 -9.98 -6.06 10.43
C SER A 178 -10.42 -6.41 9.00
N ASP A 179 -11.37 -5.68 8.44
CA ASP A 179 -11.84 -5.79 7.04
C ASP A 179 -10.65 -5.61 6.09
N ILE A 180 -9.78 -4.65 6.37
CA ILE A 180 -8.62 -4.34 5.47
C ILE A 180 -7.56 -5.44 5.59
N SER A 181 -7.27 -5.94 6.78
CA SER A 181 -6.30 -7.07 6.97
C SER A 181 -6.68 -8.21 6.01
N LEU A 182 -7.94 -8.65 6.00
CA LEU A 182 -8.38 -9.80 5.16
C LEU A 182 -8.24 -9.44 3.69
N PHE A 183 -8.43 -8.15 3.36
CA PHE A 183 -8.45 -7.63 1.97
C PHE A 183 -7.04 -7.63 1.40
N VAL A 184 -6.06 -7.23 2.20
CA VAL A 184 -4.61 -7.28 1.84
C VAL A 184 -4.16 -8.75 1.66
N ALA A 185 -4.57 -9.63 2.57
CA ALA A 185 -4.30 -11.08 2.50
C ALA A 185 -4.78 -11.67 1.17
N ALA A 186 -5.98 -11.27 0.72
CA ALA A 186 -6.59 -11.71 -0.55
C ALA A 186 -5.80 -11.18 -1.77
N ILE A 187 -5.26 -9.96 -1.68
CA ILE A 187 -4.48 -9.34 -2.77
C ILE A 187 -3.19 -10.16 -2.97
N ILE A 188 -2.54 -10.48 -1.87
CA ILE A 188 -1.24 -11.20 -1.88
C ILE A 188 -1.43 -12.64 -2.40
N CYS A 189 -2.50 -13.33 -2.01
CA CYS A 189 -2.72 -14.78 -2.29
C CYS A 189 -3.56 -15.00 -3.55
N CYS A 190 -3.11 -14.42 -4.66
CA CYS A 190 -3.87 -14.36 -5.94
C CYS A 190 -3.32 -15.41 -6.93
N GLY A 191 -4.17 -16.32 -7.40
CA GLY A 191 -3.77 -17.54 -8.13
C GLY A 191 -3.44 -17.30 -9.58
N ASP A 192 -3.68 -16.10 -10.10
CA ASP A 192 -3.48 -15.81 -11.55
C ASP A 192 -2.30 -14.87 -11.77
N ARG A 193 -1.39 -14.73 -10.81
CA ARG A 193 -0.15 -13.95 -11.06
C ARG A 193 0.59 -14.65 -12.20
N PRO A 194 1.15 -13.91 -13.17
CA PRO A 194 1.98 -14.51 -14.21
C PRO A 194 3.29 -15.09 -13.67
N GLY A 195 3.58 -16.36 -13.99
CA GLY A 195 4.79 -17.05 -13.49
C GLY A 195 4.47 -18.09 -12.42
N LEU A 196 3.26 -18.08 -11.84
CA LEU A 196 2.93 -18.95 -10.69
C LEU A 196 3.06 -20.40 -11.10
N LEU A 197 3.79 -21.15 -10.29
CA LEU A 197 4.02 -22.60 -10.49
C LEU A 197 2.84 -23.34 -9.86
N ASN A 198 2.68 -23.30 -8.53
CA ASN A 198 1.71 -24.15 -7.81
C ASN A 198 0.34 -23.46 -7.70
N VAL A 199 -0.26 -23.13 -8.84
CA VAL A 199 -1.53 -22.33 -8.94
C VAL A 199 -2.62 -22.93 -8.04
N GLY A 200 -2.82 -24.24 -8.08
CA GLY A 200 -3.95 -24.92 -7.39
C GLY A 200 -3.94 -24.70 -5.88
N HIS A 201 -2.76 -24.66 -5.26
CA HIS A 201 -2.62 -24.47 -3.80
C HIS A 201 -2.84 -22.99 -3.43
N ILE A 202 -2.45 -22.05 -4.28
CA ILE A 202 -2.68 -20.59 -4.03
C ILE A 202 -4.17 -20.30 -4.23
N GLU A 203 -4.82 -20.93 -5.22
CA GLU A 203 -6.28 -20.73 -5.47
C GLU A 203 -7.07 -21.22 -4.26
N LYS A 204 -6.65 -22.31 -3.64
CA LYS A 204 -7.38 -22.89 -2.50
C LYS A 204 -7.17 -21.96 -1.30
N MET A 205 -5.96 -21.44 -1.13
CA MET A 205 -5.60 -20.47 -0.06
C MET A 205 -6.46 -19.20 -0.21
N GLN A 206 -6.59 -18.68 -1.43
CA GLN A 206 -7.37 -17.46 -1.70
C GLN A 206 -8.86 -17.72 -1.43
N GLU A 207 -9.34 -18.90 -1.84
CA GLU A 207 -10.76 -19.30 -1.71
C GLU A 207 -11.14 -19.18 -0.24
N GLY A 208 -10.24 -19.61 0.66
CA GLY A 208 -10.46 -19.53 2.12
C GLY A 208 -10.53 -18.10 2.62
N ILE A 209 -9.59 -17.24 2.21
CA ILE A 209 -9.48 -15.84 2.73
C ILE A 209 -10.70 -15.04 2.27
N VAL A 210 -11.05 -15.16 1.01
CA VAL A 210 -12.24 -14.50 0.37
C VAL A 210 -13.50 -14.96 1.12
N HIS A 211 -13.59 -16.25 1.39
CA HIS A 211 -14.69 -16.90 2.13
C HIS A 211 -14.81 -16.24 3.51
N VAL A 212 -13.77 -16.26 4.32
CA VAL A 212 -13.81 -15.62 5.67
C VAL A 212 -14.05 -14.12 5.47
N LEU A 213 -13.58 -13.51 4.38
CA LEU A 213 -13.85 -12.07 4.11
C LEU A 213 -15.35 -11.87 3.92
N ARG A 214 -16.00 -12.66 3.06
CA ARG A 214 -17.48 -12.66 2.88
C ARG A 214 -18.17 -12.74 4.25
N LEU A 215 -17.82 -13.74 5.06
CA LEU A 215 -18.41 -13.97 6.40
C LEU A 215 -18.15 -12.76 7.30
N HIS A 216 -16.93 -12.22 7.26
CA HIS A 216 -16.55 -11.08 8.12
C HIS A 216 -17.43 -9.89 7.76
N LEU A 217 -17.73 -9.68 6.48
CA LEU A 217 -18.45 -8.47 6.01
C LEU A 217 -19.93 -8.54 6.40
N GLN A 218 -20.55 -9.72 6.29
CA GLN A 218 -21.91 -10.01 6.78
C GLN A 218 -22.10 -9.57 8.24
N SER A 219 -21.22 -9.97 9.15
CA SER A 219 -21.41 -9.72 10.60
C SER A 219 -20.97 -8.29 10.93
N ASN A 220 -19.91 -7.79 10.30
CA ASN A 220 -19.30 -6.49 10.68
C ASN A 220 -20.07 -5.35 10.00
N HIS A 221 -20.68 -5.59 8.85
CA HIS A 221 -21.32 -4.51 8.03
C HIS A 221 -22.72 -4.94 7.58
N PRO A 222 -23.65 -5.17 8.54
CA PRO A 222 -24.92 -5.83 8.23
C PRO A 222 -25.79 -4.95 7.32
N ASP A 223 -25.72 -3.63 7.51
CA ASP A 223 -26.36 -2.62 6.65
C ASP A 223 -26.01 -2.87 5.18
N ASP A 224 -24.74 -2.69 4.78
CA ASP A 224 -24.31 -2.79 3.36
C ASP A 224 -24.26 -4.26 2.94
N ILE A 225 -25.31 -4.73 2.25
CA ILE A 225 -25.49 -6.15 1.84
C ILE A 225 -24.68 -6.42 0.57
N PHE A 226 -24.35 -5.38 -0.21
CA PHE A 226 -23.61 -5.49 -1.49
C PHE A 226 -22.13 -5.15 -1.29
N LEU A 227 -21.62 -5.17 -0.06
CA LEU A 227 -20.24 -4.69 0.22
C LEU A 227 -19.22 -5.68 -0.35
N PHE A 228 -19.48 -6.97 -0.25
CA PHE A 228 -18.56 -8.05 -0.70
C PHE A 228 -18.28 -7.92 -2.20
N PRO A 229 -19.31 -7.89 -3.09
CA PRO A 229 -19.06 -7.67 -4.52
C PRO A 229 -18.38 -6.33 -4.85
N LYS A 230 -18.69 -5.25 -4.12
CA LYS A 230 -18.00 -3.95 -4.21
C LYS A 230 -16.49 -4.11 -3.94
N LEU A 231 -16.09 -4.95 -2.98
CA LEU A 231 -14.66 -5.17 -2.62
C LEU A 231 -13.92 -6.01 -3.67
N LEU A 232 -14.53 -7.09 -4.17
CA LEU A 232 -13.97 -7.86 -5.32
C LEU A 232 -13.68 -6.92 -6.49
N GLN A 233 -14.55 -5.95 -6.76
CA GLN A 233 -14.37 -5.00 -7.89
C GLN A 233 -13.19 -4.07 -7.58
N LYS A 234 -13.05 -3.64 -6.34
CA LYS A 234 -11.91 -2.79 -5.91
C LYS A 234 -10.57 -3.52 -6.13
N MET A 235 -10.56 -4.85 -6.11
CA MET A 235 -9.32 -5.63 -6.37
C MET A 235 -8.98 -5.59 -7.86
N ALA A 236 -9.96 -5.69 -8.76
CA ALA A 236 -9.76 -5.45 -10.21
C ALA A 236 -9.23 -4.03 -10.41
N ASP A 237 -9.90 -3.03 -9.81
CA ASP A 237 -9.58 -1.59 -9.92
C ASP A 237 -8.14 -1.32 -9.49
N LEU A 238 -7.65 -2.06 -8.49
CA LEU A 238 -6.27 -1.85 -7.99
C LEU A 238 -5.30 -2.37 -9.04
N ARG A 239 -5.55 -3.59 -9.51
CA ARG A 239 -4.75 -4.23 -10.56
C ARG A 239 -4.55 -3.27 -11.73
N GLN A 240 -5.52 -2.39 -12.00
CA GLN A 240 -5.42 -1.46 -13.14
C GLN A 240 -4.81 -0.12 -12.70
N LEU A 241 -4.94 0.25 -11.43
CA LEU A 241 -4.26 1.46 -10.87
C LEU A 241 -2.74 1.26 -10.96
N VAL A 242 -2.30 0.01 -10.80
CA VAL A 242 -0.86 -0.37 -10.73
C VAL A 242 -0.26 -0.28 -12.14
N THR A 243 -0.87 -0.94 -13.10
CA THR A 243 -0.46 -0.92 -14.53
C THR A 243 -0.27 0.54 -14.97
N GLU A 244 -1.22 1.42 -14.65
CA GLU A 244 -1.16 2.85 -15.09
C GLU A 244 0.01 3.56 -14.40
N HIS A 245 0.26 3.23 -13.14
CA HIS A 245 1.37 3.78 -12.32
C HIS A 245 2.71 3.23 -12.80
N ALA A 246 2.79 1.92 -13.08
CA ALA A 246 4.03 1.30 -13.61
C ALA A 246 4.45 2.06 -14.87
N GLN A 247 3.47 2.26 -15.77
CA GLN A 247 3.60 3.01 -17.02
C GLN A 247 4.11 4.44 -16.74
N LEU A 248 3.53 5.13 -15.76
CA LEU A 248 3.92 6.53 -15.41
C LEU A 248 5.33 6.56 -14.81
N VAL A 249 5.73 5.52 -14.08
CA VAL A 249 7.10 5.41 -13.49
C VAL A 249 8.11 5.16 -14.63
N GLN A 250 7.77 4.39 -15.67
CA GLN A 250 8.61 4.23 -16.89
C GLN A 250 8.92 5.61 -17.47
N ILE A 251 7.89 6.34 -17.88
CA ILE A 251 8.05 7.70 -18.46
C ILE A 251 9.17 8.40 -17.66
N ILE A 252 9.13 8.30 -16.33
CA ILE A 252 10.02 9.04 -15.40
C ILE A 252 11.44 8.45 -15.46
N LYS A 253 11.61 7.13 -15.37
CA LYS A 253 12.94 6.48 -15.56
C LYS A 253 13.60 7.02 -16.83
N LYS A 254 12.89 7.06 -17.95
CA LYS A 254 13.44 7.43 -19.28
C LYS A 254 13.70 8.93 -19.32
N THR A 255 12.70 9.77 -19.02
CA THR A 255 12.76 11.24 -19.26
C THR A 255 13.27 12.03 -18.05
N GLU A 256 13.93 11.41 -17.06
CA GLU A 256 14.42 12.11 -15.83
C GLU A 256 15.75 11.53 -15.34
N SER A 257 16.78 12.39 -15.23
CA SER A 257 18.18 12.00 -14.91
C SER A 257 18.29 11.62 -13.42
N ASP A 258 18.11 12.57 -12.51
CA ASP A 258 18.35 12.37 -11.05
C ASP A 258 17.14 11.66 -10.42
N ALA A 259 16.64 10.56 -11.03
CA ALA A 259 15.50 9.77 -10.51
C ALA A 259 15.74 8.28 -10.78
N ALA A 260 16.97 7.82 -10.54
CA ALA A 260 17.31 6.38 -10.56
C ALA A 260 16.43 5.69 -9.52
N LEU A 261 15.59 4.73 -9.95
CA LEU A 261 14.75 3.90 -9.06
C LEU A 261 15.65 3.12 -8.11
N HIS A 262 15.17 2.92 -6.87
CA HIS A 262 15.80 2.05 -5.85
C HIS A 262 15.87 0.64 -6.44
N PRO A 263 16.95 -0.12 -6.18
CA PRO A 263 17.12 -1.46 -6.76
C PRO A 263 16.02 -2.49 -6.43
N LEU A 264 15.40 -2.41 -5.25
CA LEU A 264 14.32 -3.35 -4.86
C LEU A 264 13.09 -3.11 -5.74
N LEU A 265 12.74 -1.84 -5.98
CA LEU A 265 11.57 -1.45 -6.80
C LEU A 265 11.84 -1.77 -8.27
N GLN A 266 13.10 -1.63 -8.71
CA GLN A 266 13.60 -2.10 -10.03
C GLN A 266 13.16 -3.56 -10.26
N GLU A 267 13.56 -4.48 -9.39
CA GLU A 267 13.19 -5.92 -9.49
C GLU A 267 11.68 -6.06 -9.62
N ILE A 268 10.94 -5.37 -8.73
CA ILE A 268 9.46 -5.49 -8.60
C ILE A 268 8.83 -5.07 -9.93
N TYR A 269 9.29 -3.97 -10.53
CA TYR A 269 8.72 -3.39 -11.79
C TYR A 269 9.14 -4.19 -13.03
N ARG A 270 10.30 -4.85 -13.01
CA ARG A 270 10.82 -5.65 -14.16
C ARG A 270 9.71 -6.59 -14.66
N ASP A 271 9.60 -6.76 -15.98
CA ASP A 271 8.76 -7.80 -16.66
C ASP A 271 7.31 -7.72 -16.13
N MET A 272 6.92 -6.61 -15.46
CA MET A 272 5.69 -6.59 -14.64
C MET A 272 4.47 -6.68 -15.56
N TYR A 273 4.18 -5.63 -16.33
CA TYR A 273 2.94 -5.48 -17.15
C TYR A 273 3.27 -4.78 -18.47
N LYS B 7 16.31 -11.39 -6.52
CA LYS B 7 17.37 -11.77 -5.54
C LYS B 7 17.26 -10.91 -4.29
N ILE B 8 17.05 -9.59 -4.41
CA ILE B 8 16.79 -8.73 -3.21
C ILE B 8 15.45 -9.16 -2.63
N LEU B 9 14.55 -9.68 -3.46
CA LEU B 9 13.25 -10.21 -3.00
C LEU B 9 13.41 -11.60 -2.37
N HIS B 10 14.16 -12.53 -2.98
CA HIS B 10 14.62 -13.76 -2.28
C HIS B 10 15.01 -13.37 -0.86
N ARG B 11 15.94 -12.42 -0.73
CA ARG B 11 16.64 -12.02 0.54
C ARG B 11 15.65 -11.60 1.63
N LEU B 12 14.62 -10.80 1.31
CA LEU B 12 13.61 -10.31 2.28
C LEU B 12 12.80 -11.49 2.85
N LEU B 13 12.59 -12.54 2.05
CA LEU B 13 11.82 -13.73 2.49
C LEU B 13 12.66 -14.66 3.38
N GLN B 14 13.88 -14.25 3.66
CA GLN B 14 14.83 -14.98 4.46
C GLN B 14 14.16 -15.44 5.73
N SAU C . 11.32 11.40 3.06
C1 SAU C . 11.78 17.30 0.33
O1 SAU C . 11.88 15.96 0.24
C2 SAU C . 11.29 16.49 2.40
O2 SAU C . 11.44 17.69 1.65
C3 SAU C . 11.57 15.46 1.53
O3 SAU C . 10.57 6.67 6.44
C4 SAU C . 10.95 16.19 3.74
O4 SAU C . 11.06 7.25 4.32
C5 SAU C . 10.87 14.85 4.23
C6 SAU C . 11.14 13.83 3.39
C7 SAU C . 11.49 14.16 2.02
C8 SAU C . 10.52 14.60 5.59
C9 SAU C . 10.45 13.30 6.06
C10 SAU C . 11.05 12.45 3.88
C12 SAU C . 11.24 10.13 3.41
C13 SAU C . 10.88 9.79 4.72
C14 SAU C . 10.64 10.80 5.62
C15 SAU C . 10.71 12.19 5.19
C18 SAU C . 10.31 10.44 6.95
C19 SAU C . 10.25 9.11 7.31
C20 SAU C . 10.53 8.08 6.35
C21 SAU C . 10.83 8.42 5.08
C23 SAU C . 10.77 6.19 5.22
C25 SAU C . 11.70 11.65 1.70
#